data_7VUB
#
_entry.id   7VUB
#
_cell.length_a   42.810
_cell.length_b   70.470
_cell.length_c   101.950
_cell.angle_alpha   90.000
_cell.angle_beta   90.000
_cell.angle_gamma   90.000
#
_symmetry.space_group_name_H-M   'P 21 21 21'
#
loop_
_entity.id
_entity.type
_entity.pdbx_description
1 polymer 'Phloem lectin'
2 non-polymer NITROBENZENE
3 non-polymer 1,2-ETHANEDIOL
4 water water
#
_entity_poly.entity_id   1
_entity_poly.type   'polypeptide(L)'
_entity_poly.pdbx_seq_one_letter_code
;MAGQSTHYLAFPRASTITWGDDTRYWSWATVDFCSYAIEEARLLQVSWLDCRWSMDASDFKQDIWYNASVEVMLTSNASG
WNVPLHLEIELPDGSKQESQIVLAGRQPNVWFKIPIGKFILRGSLTSGTIRFGFYNHEGNWKRGLNIRTLAIQA
;
_entity_poly.pdbx_strand_id   A,B
#
loop_
_chem_comp.id
_chem_comp.type
_chem_comp.name
_chem_comp.formula
EDO non-polymer 1,2-ETHANEDIOL 'C2 H6 O2'
NBZ non-polymer NITROBENZENE 'C6 H5 N O2'
#
# COMPACT_ATOMS: atom_id res chain seq x y z
N SER A 5 1.82 -7.97 -10.90
CA SER A 5 1.91 -6.64 -10.60
C SER A 5 1.52 -6.26 -9.15
N THR A 6 2.20 -5.33 -8.49
CA THR A 6 1.91 -5.01 -7.08
C THR A 6 0.80 -3.98 -6.99
N HIS A 7 -0.23 -4.30 -6.23
CA HIS A 7 -1.38 -3.37 -6.05
C HIS A 7 -1.20 -2.50 -4.80
N TYR A 8 -0.76 -3.15 -3.70
CA TYR A 8 -0.59 -2.43 -2.44
C TYR A 8 0.68 -2.90 -1.76
N LEU A 9 1.32 -1.93 -1.10
CA LEU A 9 2.32 -2.23 -0.05
C LEU A 9 1.76 -1.63 1.23
N ALA A 10 1.78 -2.42 2.30
CA ALA A 10 1.37 -2.00 3.64
C ALA A 10 2.56 -2.15 4.59
N PHE A 11 3.02 -1.06 5.13
CA PHE A 11 4.20 -1.06 6.00
C PHE A 11 3.78 -1.40 7.42
N PRO A 12 4.72 -1.85 8.29
CA PRO A 12 4.32 -2.43 9.55
C PRO A 12 3.67 -1.42 10.51
N ARG A 13 3.85 -0.11 10.34
CA ARG A 13 3.08 0.83 11.16
C ARG A 13 1.56 0.64 10.95
N ALA A 14 1.15 0.09 9.79
CA ALA A 14 -0.27 -0.14 9.51
C ALA A 14 -0.78 -1.44 10.11
N SER A 15 0.11 -2.24 10.71
CA SER A 15 -0.27 -3.55 11.31
C SER A 15 -0.44 -3.39 12.80
N THR A 16 -0.95 -4.46 13.40
CA THR A 16 -0.97 -4.62 14.87
C THR A 16 0.03 -5.70 15.23
N ILE A 17 0.92 -5.33 16.14
CA ILE A 17 2.01 -6.21 16.59
C ILE A 17 1.95 -6.31 18.13
N THR A 18 1.97 -7.51 18.64
CA THR A 18 2.00 -7.68 20.13
C THR A 18 3.32 -7.10 20.66
N TRP A 19 3.22 -6.20 21.65
CA TRP A 19 4.37 -5.47 22.24
C TRP A 19 4.97 -4.47 21.30
N GLY A 20 4.33 -4.21 20.16
CA GLY A 20 5.01 -3.41 19.12
C GLY A 20 5.32 -1.99 19.60
N ASP A 21 4.61 -1.47 20.59
CA ASP A 21 4.82 -0.08 21.04
C ASP A 21 5.72 -0.02 22.28
N ASP A 22 6.35 -1.14 22.61
CA ASP A 22 7.26 -1.21 23.77
C ASP A 22 8.68 -1.36 23.26
N THR A 23 9.47 -0.31 23.47
CA THR A 23 10.84 -0.30 22.97
C THR A 23 11.75 -1.33 23.61
N ARG A 24 11.34 -2.01 24.66
CA ARG A 24 12.11 -3.17 25.17
C ARG A 24 12.04 -4.36 24.24
N TYR A 25 10.97 -4.45 23.44
CA TYR A 25 10.71 -5.65 22.61
C TYR A 25 10.93 -5.39 21.11
N TRP A 26 10.51 -4.23 20.66
CA TRP A 26 10.56 -3.82 19.24
C TRP A 26 11.12 -2.42 19.11
N SER A 27 11.92 -2.20 18.10
CA SER A 27 12.43 -0.88 17.67
C SER A 27 11.75 -0.53 16.37
N TRP A 28 11.60 0.73 16.14
CA TRP A 28 11.08 1.25 14.86
C TRP A 28 12.20 2.08 14.23
N ALA A 29 12.64 1.67 13.08
CA ALA A 29 13.79 2.32 12.43
C ALA A 29 13.33 3.03 11.18
N THR A 30 13.56 4.35 11.10
CA THR A 30 13.21 5.16 9.94
C THR A 30 14.24 4.94 8.84
N VAL A 31 13.79 4.55 7.67
CA VAL A 31 14.64 4.33 6.51
C VAL A 31 13.96 4.92 5.30
N ASP A 32 14.61 5.05 4.17
CA ASP A 32 14.06 5.44 2.87
C ASP A 32 13.73 4.15 2.11
N PHE A 33 12.53 4.12 1.56
CA PHE A 33 12.10 3.07 0.63
C PHE A 33 11.75 3.76 -0.66
N CYS A 34 12.71 3.80 -1.55
CA CYS A 34 12.66 4.43 -2.86
C CYS A 34 11.83 5.73 -2.82
N SER A 35 12.34 6.61 -1.98
CA SER A 35 11.98 8.02 -1.77
C SER A 35 10.86 8.22 -0.75
N TYR A 36 10.28 7.16 -0.22
CA TYR A 36 9.25 7.25 0.85
C TYR A 36 9.87 6.91 2.18
N ALA A 37 9.63 7.75 3.17
CA ALA A 37 10.06 7.39 4.55
C ALA A 37 9.20 6.26 5.06
N ILE A 38 9.83 5.16 5.48
CA ILE A 38 9.06 4.09 6.17
C ILE A 38 9.75 3.78 7.48
N GLU A 39 9.08 3.02 8.32
CA GLU A 39 9.67 2.54 9.58
C GLU A 39 9.63 1.03 9.62
N GLU A 40 10.80 0.43 9.62
CA GLU A 40 10.90 -1.02 9.79
C GLU A 40 10.58 -1.39 11.24
N ALA A 41 9.85 -2.46 11.43
CA ALA A 41 9.63 -3.02 12.75
C ALA A 41 10.73 -4.05 13.01
N ARG A 42 11.58 -3.73 13.97
CA ARG A 42 12.79 -4.53 14.26
C ARG A 42 12.56 -5.26 15.59
N LEU A 43 12.41 -6.59 15.51
CA LEU A 43 12.17 -7.42 16.71
C LEU A 43 13.52 -7.59 17.46
N LEU A 44 13.51 -7.18 18.70
CA LEU A 44 14.65 -7.45 19.60
C LEU A 44 14.43 -8.85 20.16
N GLN A 45 13.38 -9.03 20.94
CA GLN A 45 13.01 -10.38 21.35
C GLN A 45 11.55 -10.37 21.81
N VAL A 46 10.88 -11.48 21.61
CA VAL A 46 9.47 -11.60 22.08
C VAL A 46 9.17 -13.07 22.10
N SER A 47 8.28 -13.49 22.98
CA SER A 47 7.76 -14.86 22.98
C SER A 47 6.42 -14.92 22.22
N TRP A 48 5.48 -14.00 22.50
CA TRP A 48 4.20 -13.96 21.78
C TRP A 48 4.40 -13.13 20.50
N LEU A 49 4.83 -13.82 19.46
CA LEU A 49 5.10 -13.10 18.17
C LEU A 49 3.79 -13.08 17.38
N ASP A 50 3.33 -11.88 17.04
CA ASP A 50 2.06 -11.78 16.32
C ASP A 50 2.02 -10.42 15.59
N CYS A 51 1.93 -10.49 14.25
CA CYS A 51 1.90 -9.33 13.37
C CYS A 51 0.75 -9.49 12.38
N ARG A 52 -0.21 -8.56 12.39
CA ARG A 52 -1.38 -8.71 11.52
C ARG A 52 -1.78 -7.37 10.91
N TRP A 53 -1.97 -7.39 9.59
CA TRP A 53 -2.57 -6.28 8.85
C TRP A 53 -4.05 -6.62 8.64
N SER A 54 -4.88 -5.62 8.66
CA SER A 54 -6.32 -5.73 8.31
C SER A 54 -6.66 -4.75 7.20
N MET A 55 -7.18 -5.27 6.12
CA MET A 55 -7.69 -4.42 5.01
C MET A 55 -9.05 -4.94 4.59
N ASP A 56 -9.92 -4.06 4.20
CA ASP A 56 -11.29 -4.50 3.83
C ASP A 56 -11.28 -5.15 2.45
N ALA A 57 -12.12 -6.15 2.26
CA ALA A 57 -12.26 -6.79 0.95
C ALA A 57 -12.66 -5.79 -0.13
N SER A 58 -13.36 -4.72 0.23
CA SER A 58 -13.74 -3.67 -0.77
C SER A 58 -12.55 -2.90 -1.29
N ASP A 59 -11.39 -3.03 -0.69
CA ASP A 59 -10.16 -2.42 -1.20
C ASP A 59 -9.66 -3.13 -2.44
N PHE A 60 -10.19 -4.30 -2.77
CA PHE A 60 -9.67 -5.19 -3.82
C PHE A 60 -10.75 -5.35 -4.89
N LYS A 61 -10.36 -5.90 -6.01
CA LYS A 61 -11.28 -6.11 -7.13
C LYS A 61 -11.77 -7.52 -7.10
N GLN A 62 -12.97 -7.71 -7.58
CA GLN A 62 -13.57 -9.04 -7.59
C GLN A 62 -12.98 -9.90 -8.72
N ASP A 63 -13.01 -11.22 -8.53
CA ASP A 63 -12.69 -12.19 -9.62
C ASP A 63 -11.25 -12.09 -10.10
N ILE A 64 -10.39 -11.62 -9.24
CA ILE A 64 -8.92 -11.46 -9.45
C ILE A 64 -8.20 -12.37 -8.44
N TRP A 65 -7.28 -13.22 -8.92
CA TRP A 65 -6.40 -13.95 -7.99
C TRP A 65 -5.30 -13.01 -7.45
N TYR A 66 -5.34 -12.78 -6.17
CA TYR A 66 -4.30 -12.02 -5.47
C TYR A 66 -3.35 -12.97 -4.77
N ASN A 67 -2.10 -12.55 -4.62
CA ASN A 67 -1.11 -13.22 -3.77
C ASN A 67 -0.53 -12.18 -2.84
N ALA A 68 -0.16 -12.61 -1.66
CA ALA A 68 0.44 -11.72 -0.67
C ALA A 68 1.77 -12.29 -0.16
N SER A 69 2.67 -11.39 0.19
CA SER A 69 3.98 -11.75 0.71
C SER A 69 4.35 -10.74 1.81
N VAL A 70 5.20 -11.21 2.74
CA VAL A 70 5.77 -10.31 3.74
C VAL A 70 7.28 -10.31 3.54
N GLU A 71 7.86 -9.13 3.51
CA GLU A 71 9.29 -8.95 3.28
C GLU A 71 9.96 -8.70 4.62
N VAL A 72 10.97 -9.54 4.93
CA VAL A 72 11.64 -9.56 6.22
C VAL A 72 13.13 -9.77 6.02
N MET A 73 13.87 -9.54 7.11
CA MET A 73 15.31 -9.71 7.14
C MET A 73 15.64 -10.30 8.50
N LEU A 74 16.50 -11.33 8.56
CA LEU A 74 17.02 -11.86 9.83
C LEU A 74 18.31 -11.09 10.14
N THR A 75 18.46 -10.76 11.42
CA THR A 75 19.76 -10.09 11.81
C THR A 75 20.81 -11.14 12.16
N SER A 76 22.05 -10.67 12.33
CA SER A 76 23.16 -11.55 12.73
C SER A 76 22.87 -12.21 14.08
N ASN A 77 22.02 -11.56 14.89
CA ASN A 77 21.57 -11.96 16.25
C ASN A 77 20.41 -12.93 16.20
N ALA A 78 19.92 -13.34 15.04
CA ALA A 78 18.67 -14.06 15.06
C ALA A 78 18.76 -15.36 15.81
N SER A 79 17.68 -15.67 16.53
CA SER A 79 17.56 -16.96 17.23
C SER A 79 16.10 -17.21 17.56
N GLY A 80 15.78 -18.45 17.87
CA GLY A 80 14.44 -18.92 18.22
C GLY A 80 13.61 -19.31 17.03
N TRP A 81 14.21 -19.42 15.88
CA TRP A 81 13.50 -19.69 14.62
C TRP A 81 13.46 -21.15 14.19
N ASN A 82 13.78 -22.11 15.07
CA ASN A 82 13.60 -23.54 14.76
C ASN A 82 12.13 -23.90 14.82
N VAL A 83 11.28 -23.08 15.40
CA VAL A 83 9.82 -23.30 15.48
C VAL A 83 9.15 -22.86 14.18
N PRO A 84 7.95 -23.39 13.85
CA PRO A 84 7.24 -22.93 12.66
C PRO A 84 6.71 -21.52 12.81
N LEU A 85 7.04 -20.66 11.85
CA LEU A 85 6.34 -19.37 11.74
C LEU A 85 5.07 -19.55 10.94
N HIS A 86 3.95 -19.36 11.61
CA HIS A 86 2.63 -19.58 10.98
C HIS A 86 2.30 -18.37 10.12
N LEU A 87 1.83 -18.64 8.92
CA LEU A 87 1.53 -17.59 7.92
C LEU A 87 0.04 -17.72 7.61
N GLU A 88 -0.69 -16.59 7.56
CA GLU A 88 -2.14 -16.68 7.46
C GLU A 88 -2.72 -15.53 6.66
N ILE A 89 -3.70 -15.84 5.83
CA ILE A 89 -4.69 -14.91 5.28
C ILE A 89 -6.07 -15.41 5.76
N GLU A 90 -6.78 -14.53 6.46
CA GLU A 90 -8.16 -14.85 6.88
C GLU A 90 -9.14 -13.99 6.07
N LEU A 91 -10.02 -14.64 5.34
CA LEU A 91 -11.01 -13.94 4.53
C LEU A 91 -12.23 -13.63 5.37
N PRO A 92 -13.15 -12.73 4.89
CA PRO A 92 -14.27 -12.28 5.72
C PRO A 92 -15.28 -13.35 6.15
N ASP A 93 -15.26 -14.46 5.43
CA ASP A 93 -16.13 -15.61 5.74
C ASP A 93 -15.46 -16.53 6.76
N GLY A 94 -14.28 -16.15 7.29
CA GLY A 94 -13.53 -16.93 8.32
C GLY A 94 -12.67 -18.01 7.68
N SER A 95 -12.73 -18.21 6.38
CA SER A 95 -11.88 -19.21 5.72
C SER A 95 -10.44 -18.71 5.83
N LYS A 96 -9.49 -19.61 5.88
CA LYS A 96 -8.08 -19.20 6.08
C LYS A 96 -7.22 -19.90 5.08
N GLN A 97 -6.24 -19.16 4.57
CA GLN A 97 -5.06 -19.71 3.87
C GLN A 97 -3.99 -19.87 4.96
N GLU A 98 -3.54 -21.09 5.20
CA GLU A 98 -2.60 -21.36 6.31
C GLU A 98 -1.41 -22.12 5.74
N SER A 99 -0.22 -21.71 6.17
CA SER A 99 1.06 -22.32 5.78
C SER A 99 2.07 -21.97 6.88
N GLN A 100 3.29 -22.46 6.73
CA GLN A 100 4.31 -22.16 7.73
C GLN A 100 5.69 -22.16 7.08
N ILE A 101 6.61 -21.54 7.79
CA ILE A 101 8.02 -21.54 7.33
C ILE A 101 8.89 -21.62 8.56
N VAL A 102 10.01 -22.34 8.42
CA VAL A 102 11.09 -22.40 9.43
C VAL A 102 12.18 -21.45 8.94
N LEU A 103 12.45 -20.44 9.75
CA LEU A 103 13.46 -19.45 9.35
C LEU A 103 14.87 -19.79 9.86
N ALA A 104 15.02 -20.76 10.75
CA ALA A 104 16.39 -21.11 11.24
C ALA A 104 17.27 -21.48 10.04
N GLY A 105 18.51 -21.01 10.04
CA GLY A 105 19.47 -21.35 8.97
C GLY A 105 19.35 -20.52 7.70
N ARG A 106 18.36 -19.60 7.61
CA ARG A 106 18.27 -18.70 6.47
C ARG A 106 19.35 -17.64 6.60
N GLN A 107 19.78 -17.17 5.47
CA GLN A 107 20.90 -16.22 5.45
C GLN A 107 20.46 -14.88 6.02
N PRO A 108 21.21 -14.26 6.96
CA PRO A 108 20.88 -12.96 7.50
C PRO A 108 21.22 -11.77 6.61
N ASN A 109 20.77 -10.61 7.02
CA ASN A 109 21.15 -9.28 6.48
C ASN A 109 20.79 -9.16 5.01
N VAL A 110 19.77 -9.90 4.51
CA VAL A 110 19.23 -9.68 3.14
C VAL A 110 17.72 -9.75 3.24
N TRP A 111 17.07 -8.90 2.52
CA TRP A 111 15.61 -8.91 2.50
C TRP A 111 15.16 -10.17 1.74
N PHE A 112 14.13 -10.82 2.22
CA PHE A 112 13.53 -11.93 1.46
C PHE A 112 11.99 -11.87 1.69
N LYS A 113 11.30 -12.30 0.66
CA LYS A 113 9.81 -12.18 0.59
C LYS A 113 9.18 -13.53 0.85
N ILE A 114 8.46 -13.64 1.96
CA ILE A 114 7.81 -14.89 2.37
C ILE A 114 6.41 -14.87 1.76
N PRO A 115 6.09 -15.81 0.87
CA PRO A 115 4.71 -15.89 0.37
C PRO A 115 3.79 -16.33 1.54
N ILE A 116 2.64 -15.66 1.67
CA ILE A 116 1.68 -16.02 2.72
C ILE A 116 0.33 -16.49 2.20
N GLY A 117 0.17 -16.63 0.88
CA GLY A 117 -1.01 -17.28 0.30
C GLY A 117 -1.63 -16.45 -0.82
N LYS A 118 -2.72 -16.98 -1.28
CA LYS A 118 -3.47 -16.47 -2.43
C LYS A 118 -4.98 -16.46 -2.10
N PHE A 119 -5.75 -15.60 -2.77
CA PHE A 119 -7.20 -15.53 -2.53
C PHE A 119 -7.84 -14.87 -3.74
N ILE A 120 -9.15 -15.13 -3.84
CA ILE A 120 -10.06 -14.52 -4.85
C ILE A 120 -11.35 -14.16 -4.16
N LEU A 121 -11.92 -13.04 -4.54
CA LEU A 121 -13.12 -12.52 -3.89
C LEU A 121 -14.27 -12.55 -4.91
N ARG A 122 -15.42 -13.14 -4.49
CA ARG A 122 -16.67 -13.16 -5.30
C ARG A 122 -17.85 -13.06 -4.34
N GLY A 123 -19.00 -12.54 -4.79
CA GLY A 123 -20.24 -12.46 -3.97
C GLY A 123 -20.03 -11.75 -2.67
N SER A 124 -20.46 -12.27 -1.53
CA SER A 124 -20.39 -11.53 -0.22
C SER A 124 -18.95 -11.41 0.25
N LEU A 125 -18.05 -12.23 -0.28
CA LEU A 125 -16.59 -12.07 0.06
C LEU A 125 -15.97 -10.77 -0.42
N THR A 126 -16.67 -10.06 -1.28
CA THR A 126 -16.20 -8.75 -1.78
C THR A 126 -16.31 -7.62 -0.73
N SER A 127 -16.89 -7.85 0.45
CA SER A 127 -16.89 -6.86 1.55
C SER A 127 -16.58 -7.57 2.88
N GLY A 128 -15.96 -6.84 3.82
CA GLY A 128 -15.60 -7.40 5.11
C GLY A 128 -14.09 -7.57 5.29
N THR A 129 -13.67 -7.67 6.51
CA THR A 129 -12.25 -7.54 6.85
C THR A 129 -11.41 -8.77 6.35
N ILE A 130 -10.29 -8.52 5.69
CA ILE A 130 -9.24 -9.54 5.39
C ILE A 130 -8.06 -9.27 6.30
N ARG A 131 -7.61 -10.33 6.94
CA ARG A 131 -6.43 -10.25 7.83
C ARG A 131 -5.26 -11.01 7.22
N PHE A 132 -4.08 -10.35 7.23
CA PHE A 132 -2.87 -10.90 6.67
C PHE A 132 -1.78 -10.88 7.74
N GLY A 133 -1.03 -11.96 7.92
CA GLY A 133 0.16 -11.84 8.79
C GLY A 133 0.71 -13.17 9.18
N PHE A 134 1.45 -13.10 10.29
CA PHE A 134 2.23 -14.23 10.77
C PHE A 134 2.31 -14.23 12.28
N TYR A 135 2.61 -15.43 12.85
CA TYR A 135 2.66 -15.54 14.30
C TYR A 135 3.40 -16.81 14.71
N ASN A 136 3.92 -16.74 15.94
CA ASN A 136 4.31 -17.95 16.69
C ASN A 136 4.16 -17.59 18.15
N HIS A 137 3.31 -18.35 18.84
CA HIS A 137 2.99 -18.05 20.25
C HIS A 137 3.61 -19.04 21.23
N GLU A 138 4.52 -19.88 20.78
CA GLU A 138 5.15 -20.86 21.67
C GLU A 138 5.97 -20.17 22.77
N GLY A 139 6.23 -20.92 23.82
CA GLY A 139 6.98 -20.38 24.98
C GLY A 139 8.45 -20.08 24.81
N ASN A 140 8.98 -20.17 23.63
CA ASN A 140 10.36 -19.76 23.34
C ASN A 140 10.37 -18.28 22.96
N TRP A 141 11.57 -17.74 22.87
CA TRP A 141 11.76 -16.32 22.52
C TRP A 141 12.39 -16.24 21.14
N LYS A 142 11.71 -15.49 20.29
CA LYS A 142 12.16 -15.19 18.89
C LYS A 142 12.90 -13.87 18.89
N ARG A 143 14.03 -13.79 18.17
CA ARG A 143 14.90 -12.63 18.17
C ARG A 143 15.35 -12.30 16.76
N GLY A 144 15.44 -11.02 16.45
CA GLY A 144 16.20 -10.57 15.27
C GLY A 144 15.52 -10.80 13.95
N LEU A 145 14.25 -10.44 13.89
CA LEU A 145 13.50 -10.35 12.60
C LEU A 145 13.10 -8.93 12.39
N ASN A 146 13.45 -8.39 11.20
CA ASN A 146 13.07 -7.02 10.84
C ASN A 146 12.04 -7.10 9.71
N ILE A 147 10.94 -6.38 9.91
CA ILE A 147 9.80 -6.43 8.98
C ILE A 147 9.77 -5.15 8.12
N ARG A 148 9.75 -5.33 6.81
CA ARG A 148 9.70 -4.16 5.89
C ARG A 148 8.27 -3.86 5.38
N THR A 149 7.61 -4.88 4.85
CA THR A 149 6.30 -4.60 4.23
C THR A 149 5.54 -5.89 3.90
N LEU A 150 4.21 -5.70 3.89
CA LEU A 150 3.27 -6.65 3.27
C LEU A 150 3.08 -6.15 1.82
N ALA A 151 3.05 -7.08 0.89
CA ALA A 151 2.79 -6.75 -0.52
C ALA A 151 1.63 -7.60 -0.99
N ILE A 152 0.74 -6.98 -1.76
CA ILE A 152 -0.43 -7.66 -2.34
C ILE A 152 -0.39 -7.47 -3.84
N GLN A 153 -0.31 -8.54 -4.58
CA GLN A 153 -0.10 -8.51 -6.04
C GLN A 153 -1.21 -9.25 -6.77
N ALA A 154 -1.35 -8.94 -8.06
CA ALA A 154 -2.28 -9.69 -8.92
C ALA A 154 -1.99 -9.67 -10.45
N GLY B 3 8.11 10.51 14.03
CA GLY B 3 7.69 11.45 12.90
C GLY B 3 6.73 10.83 11.88
N GLN B 4 6.61 11.47 10.71
CA GLN B 4 5.69 11.01 9.61
C GLN B 4 6.34 9.92 8.75
N SER B 5 5.63 8.85 8.50
CA SER B 5 6.12 7.72 7.74
C SER B 5 4.96 7.16 6.91
N THR B 6 5.32 6.42 5.90
CA THR B 6 4.33 5.90 4.97
C THR B 6 3.72 4.62 5.51
N HIS B 7 2.39 4.58 5.54
CA HIS B 7 1.64 3.40 5.97
C HIS B 7 1.23 2.52 4.80
N TYR B 8 0.81 3.12 3.69
CA TYR B 8 0.40 2.38 2.49
C TYR B 8 0.93 3.07 1.23
N LEU B 9 1.26 2.26 0.27
CA LEU B 9 1.36 2.65 -1.13
C LEU B 9 0.32 1.86 -1.92
N ALA B 10 -0.44 2.57 -2.75
CA ALA B 10 -1.44 1.91 -3.61
C ALA B 10 -1.13 2.31 -5.05
N PHE B 11 -0.80 1.34 -5.84
CA PHE B 11 -0.37 1.56 -7.22
C PHE B 11 -1.62 1.71 -8.12
N PRO B 12 -1.49 2.30 -9.31
CA PRO B 12 -2.69 2.67 -10.05
C PRO B 12 -3.53 1.48 -10.52
N ARG B 13 -3.01 0.27 -10.61
CA ARG B 13 -3.84 -0.88 -10.90
C ARG B 13 -4.91 -1.09 -9.81
N ALA B 14 -4.68 -0.59 -8.59
CA ALA B 14 -5.67 -0.71 -7.52
C ALA B 14 -6.77 0.37 -7.61
N SER B 15 -6.59 1.35 -8.45
CA SER B 15 -7.54 2.44 -8.63
C SER B 15 -8.53 2.13 -9.76
N THR B 16 -9.51 3.02 -9.89
CA THR B 16 -10.37 3.06 -11.08
C THR B 16 -9.97 4.31 -11.88
N ILE B 17 -9.61 4.07 -13.14
CA ILE B 17 -9.23 5.15 -14.06
C ILE B 17 -10.22 5.12 -15.21
N THR B 18 -10.92 6.22 -15.44
CA THR B 18 -11.87 6.25 -16.57
C THR B 18 -11.09 6.09 -17.87
N TRP B 19 -11.54 5.22 -18.75
CA TRP B 19 -10.87 4.90 -20.02
C TRP B 19 -9.57 4.13 -19.76
N GLY B 20 -9.32 3.64 -18.55
CA GLY B 20 -8.02 3.03 -18.23
C GLY B 20 -7.70 1.81 -19.02
N ASP B 21 -8.67 1.06 -19.50
CA ASP B 21 -8.44 -0.15 -20.28
C ASP B 21 -8.44 0.10 -21.78
N ASP B 22 -8.52 1.37 -22.22
CA ASP B 22 -8.55 1.68 -23.65
C ASP B 22 -7.15 2.20 -24.01
N THR B 23 -6.42 1.46 -24.84
CA THR B 23 -5.01 1.80 -25.21
C THR B 23 -4.91 2.99 -26.15
N ARG B 24 -6.04 3.54 -26.61
CA ARG B 24 -6.00 4.86 -27.32
C ARG B 24 -5.69 5.96 -26.30
N TYR B 25 -6.08 5.74 -25.05
CA TYR B 25 -6.15 6.82 -24.05
C TYR B 25 -5.08 6.64 -22.95
N TRP B 26 -4.92 5.43 -22.45
CA TRP B 26 -3.97 5.08 -21.38
C TRP B 26 -3.11 3.91 -21.80
N SER B 27 -1.86 3.92 -21.37
CA SER B 27 -0.96 2.73 -21.46
C SER B 27 -0.54 2.35 -20.05
N TRP B 28 -0.16 1.12 -19.94
CA TRP B 28 0.34 0.58 -18.68
C TRP B 28 1.76 0.06 -18.90
N ALA B 29 2.71 0.50 -18.09
CA ALA B 29 4.12 0.14 -18.30
C ALA B 29 4.65 -0.56 -17.04
N THR B 30 5.22 -1.74 -17.22
CA THR B 30 5.82 -2.52 -16.14
C THR B 30 7.22 -2.00 -15.86
N VAL B 31 7.44 -1.68 -14.61
CA VAL B 31 8.77 -1.21 -14.13
C VAL B 31 9.01 -1.81 -12.74
N ASP B 32 10.24 -1.73 -12.30
CA ASP B 32 10.61 -2.11 -10.93
C ASP B 32 10.53 -0.89 -10.03
N PHE B 33 9.91 -1.09 -8.86
CA PHE B 33 9.83 -0.08 -7.81
C PHE B 33 10.38 -0.74 -6.56
N CYS B 34 11.62 -0.44 -6.19
CA CYS B 34 12.23 -0.90 -4.91
C CYS B 34 12.08 -2.45 -4.83
N SER B 35 12.29 -3.18 -5.94
CA SER B 35 12.25 -4.68 -6.07
C SER B 35 10.85 -5.26 -6.34
N TYR B 36 9.84 -4.41 -6.36
CA TYR B 36 8.46 -4.88 -6.66
C TYR B 36 8.12 -4.48 -8.07
N ALA B 37 7.55 -5.42 -8.83
CA ALA B 37 6.99 -5.09 -10.16
C ALA B 37 5.76 -4.22 -9.95
N ILE B 38 5.72 -3.07 -10.58
CA ILE B 38 4.51 -2.25 -10.63
C ILE B 38 4.23 -1.90 -12.08
N GLU B 39 3.02 -1.35 -12.28
CA GLU B 39 2.63 -0.80 -13.58
C GLU B 39 2.28 0.66 -13.43
N GLU B 40 3.05 1.51 -14.09
CA GLU B 40 2.69 2.93 -14.18
C GLU B 40 1.52 3.10 -15.14
N ALA B 41 0.59 3.98 -14.75
CA ALA B 41 -0.51 4.37 -15.65
C ALA B 41 -0.03 5.60 -16.42
N ARG B 42 0.15 5.45 -17.73
CA ARG B 42 0.71 6.51 -18.55
C ARG B 42 -0.39 7.09 -19.45
N LEU B 43 -0.75 8.33 -19.18
CA LEU B 43 -1.83 8.99 -19.96
C LEU B 43 -1.31 9.42 -21.31
N LEU B 44 -1.97 8.92 -22.33
CA LEU B 44 -1.71 9.35 -23.71
C LEU B 44 -2.56 10.58 -24.00
N GLN B 45 -3.87 10.41 -23.95
CA GLN B 45 -4.79 11.54 -24.02
C GLN B 45 -6.15 11.13 -23.48
N VAL B 46 -6.79 12.05 -22.78
CA VAL B 46 -8.16 11.81 -22.32
C VAL B 46 -8.78 13.15 -22.02
N SER B 47 -10.10 13.26 -22.18
CA SER B 47 -10.82 14.46 -21.73
C SER B 47 -11.45 14.27 -20.35
N TRP B 48 -12.05 13.13 -20.11
CA TRP B 48 -12.62 12.84 -18.77
C TRP B 48 -11.49 12.18 -17.97
N LEU B 49 -10.66 13.00 -17.35
CA LEU B 49 -9.52 12.52 -16.53
C LEU B 49 -10.06 12.25 -15.14
N ASP B 50 -9.94 10.99 -14.68
CA ASP B 50 -10.50 10.65 -13.37
C ASP B 50 -9.79 9.38 -12.89
N CYS B 51 -9.08 9.53 -11.76
CA CYS B 51 -8.34 8.42 -11.12
C CYS B 51 -8.73 8.43 -9.66
N ARG B 52 -9.30 7.31 -9.18
CA ARG B 52 -9.76 7.23 -7.78
C ARG B 52 -9.39 5.89 -7.18
N TRP B 53 -8.74 5.95 -6.02
CA TRP B 53 -8.54 4.76 -5.16
C TRP B 53 -9.64 4.79 -4.11
N SER B 54 -10.01 3.61 -3.65
CA SER B 54 -11.02 3.46 -2.60
C SER B 54 -10.48 2.50 -1.55
N MET B 55 -10.40 2.97 -0.31
CA MET B 55 -9.98 2.14 0.82
C MET B 55 -10.97 2.35 1.97
N ASP B 56 -11.20 1.33 2.73
CA ASP B 56 -12.09 1.47 3.89
C ASP B 56 -11.45 2.21 5.09
N ALA B 57 -12.27 2.97 5.85
CA ALA B 57 -11.78 3.63 7.10
C ALA B 57 -11.20 2.63 8.13
N SER B 58 -11.57 1.33 8.07
CA SER B 58 -11.02 0.26 8.99
C SER B 58 -9.56 -0.10 8.69
N ASP B 59 -9.00 0.34 7.59
CA ASP B 59 -7.60 0.08 7.21
C ASP B 59 -6.74 0.99 8.04
N PHE B 60 -7.34 2.00 8.66
CA PHE B 60 -6.56 3.09 9.30
C PHE B 60 -6.81 3.08 10.79
N LYS B 61 -5.99 3.78 11.55
CA LYS B 61 -6.10 3.84 13.01
C LYS B 61 -6.88 5.12 13.36
N GLN B 62 -7.45 5.12 14.53
CA GLN B 62 -8.31 6.22 15.00
C GLN B 62 -7.44 7.34 15.58
N ASP B 63 -7.92 8.58 15.52
CA ASP B 63 -7.37 9.73 16.28
C ASP B 63 -5.97 10.07 15.80
N ILE B 64 -5.65 9.75 14.53
CA ILE B 64 -4.33 9.94 13.88
C ILE B 64 -4.55 10.79 12.63
N TRP B 65 -3.79 11.85 12.45
CA TRP B 65 -3.84 12.61 11.18
C TRP B 65 -3.07 11.86 10.09
N TYR B 66 -3.77 11.52 9.04
CA TYR B 66 -3.19 10.93 7.83
C TYR B 66 -3.08 12.02 6.77
N ASN B 67 -2.08 11.90 5.95
CA ASN B 67 -1.90 12.74 4.76
C ASN B 67 -1.76 11.82 3.57
N ALA B 68 -2.25 12.25 2.41
CA ALA B 68 -2.14 11.46 1.17
C ALA B 68 -1.48 12.29 0.08
N SER B 69 -0.77 11.60 -0.79
CA SER B 69 -0.14 12.22 -1.97
C SER B 69 -0.18 11.29 -3.15
N VAL B 70 -0.14 11.86 -4.33
CA VAL B 70 -0.07 11.06 -5.56
C VAL B 70 1.22 11.44 -6.29
N GLU B 71 1.98 10.44 -6.70
CA GLU B 71 3.29 10.72 -7.34
C GLU B 71 3.13 10.50 -8.82
N VAL B 72 3.53 11.54 -9.55
CA VAL B 72 3.31 11.62 -10.99
C VAL B 72 4.54 12.20 -11.64
N MET B 73 4.54 12.11 -12.95
CA MET B 73 5.62 12.66 -13.81
C MET B 73 4.93 13.24 -15.04
N LEU B 74 5.34 14.42 -15.47
CA LEU B 74 4.88 14.99 -16.72
C LEU B 74 5.89 14.61 -17.78
N THR B 75 5.40 14.21 -18.92
CA THR B 75 6.28 13.89 -20.03
C THR B 75 6.61 15.14 -20.88
N SER B 76 7.57 14.95 -21.79
CA SER B 76 7.89 15.97 -22.80
C SER B 76 6.68 16.31 -23.66
N ASN B 77 5.65 15.45 -23.70
CA ASN B 77 4.45 15.56 -24.52
C ASN B 77 3.28 16.10 -23.66
N ALA B 78 3.51 16.60 -22.47
CA ALA B 78 2.41 17.07 -21.60
C ALA B 78 1.67 18.21 -22.27
N SER B 79 0.37 18.19 -22.21
CA SER B 79 -0.49 19.32 -22.64
C SER B 79 -1.86 19.21 -21.99
N GLY B 80 -2.56 20.32 -21.98
CA GLY B 80 -3.91 20.41 -21.42
C GLY B 80 -3.94 20.70 -19.95
N TRP B 81 -2.79 21.09 -19.40
CA TRP B 81 -2.68 21.30 -17.94
C TRP B 81 -2.83 22.78 -17.53
N ASN B 82 -3.34 23.60 -18.47
CA ASN B 82 -3.67 25.02 -18.17
C ASN B 82 -4.88 25.12 -17.26
N VAL B 83 -5.69 24.08 -17.19
CA VAL B 83 -6.89 24.04 -16.31
C VAL B 83 -6.51 23.25 -15.07
N PRO B 84 -7.09 23.65 -13.91
CA PRO B 84 -6.72 23.02 -12.66
C PRO B 84 -7.08 21.54 -12.62
N LEU B 85 -6.13 20.79 -12.09
CA LEU B 85 -6.32 19.39 -11.70
C LEU B 85 -6.90 19.39 -10.29
N HIS B 86 -8.11 18.84 -10.16
CA HIS B 86 -8.79 18.80 -8.87
C HIS B 86 -8.32 17.59 -8.06
N LEU B 87 -8.06 17.84 -6.80
CA LEU B 87 -7.50 16.84 -5.86
C LEU B 87 -8.57 16.60 -4.78
N GLU B 88 -8.84 15.35 -4.44
CA GLU B 88 -9.96 15.05 -3.52
C GLU B 88 -9.63 13.89 -2.62
N ILE B 89 -10.06 14.08 -1.37
CA ILE B 89 -10.30 12.95 -0.46
C ILE B 89 -11.79 13.04 -0.05
N GLU B 90 -12.53 11.95 -0.28
CA GLU B 90 -13.94 11.87 0.07
C GLU B 90 -14.15 10.90 1.22
N LEU B 91 -14.69 11.37 2.34
CA LEU B 91 -14.93 10.54 3.53
C LEU B 91 -16.25 9.82 3.38
N PRO B 92 -16.49 8.78 4.22
CA PRO B 92 -17.70 7.95 4.02
C PRO B 92 -19.02 8.72 4.08
N ASP B 93 -19.05 9.83 4.78
CA ASP B 93 -20.26 10.67 4.93
C ASP B 93 -20.46 11.60 3.75
N GLY B 94 -19.61 11.51 2.72
CA GLY B 94 -19.75 12.36 1.52
C GLY B 94 -18.98 13.65 1.61
N SER B 95 -18.44 13.99 2.78
CA SER B 95 -17.68 15.24 2.92
C SER B 95 -16.36 15.09 2.17
N LYS B 96 -15.85 16.20 1.66
CA LYS B 96 -14.65 16.17 0.80
C LYS B 96 -13.62 17.17 1.25
N GLN B 97 -12.39 16.75 1.14
CA GLN B 97 -11.19 17.62 1.17
C GLN B 97 -10.90 17.96 -0.27
N GLU B 98 -11.02 19.24 -0.61
CA GLU B 98 -10.88 19.67 -2.04
C GLU B 98 -9.76 20.69 -2.16
N SER B 99 -8.94 20.52 -3.17
CA SER B 99 -7.82 21.44 -3.49
C SER B 99 -7.49 21.24 -4.97
N GLN B 100 -6.57 22.03 -5.49
CA GLN B 100 -6.30 21.91 -6.93
C GLN B 100 -4.86 22.34 -7.20
N ILE B 101 -4.36 21.94 -8.36
CA ILE B 101 -3.02 22.32 -8.81
C ILE B 101 -3.04 22.51 -10.32
N VAL B 102 -2.34 23.51 -10.77
CA VAL B 102 -2.14 23.78 -12.22
C VAL B 102 -0.78 23.20 -12.59
N LEU B 103 -0.75 22.24 -13.48
CA LEU B 103 0.49 21.56 -13.82
C LEU B 103 1.19 22.17 -15.03
N ALA B 104 0.54 23.08 -15.73
CA ALA B 104 1.15 23.74 -16.90
C ALA B 104 2.52 24.31 -16.54
N GLY B 105 3.46 24.11 -17.45
CA GLY B 105 4.79 24.72 -17.35
C GLY B 105 5.71 24.08 -16.32
N ARG B 106 5.27 23.06 -15.59
CA ARG B 106 6.12 22.36 -14.59
C ARG B 106 7.17 21.54 -15.31
N GLN B 107 8.29 21.34 -14.65
CA GLN B 107 9.45 20.61 -15.19
C GLN B 107 9.05 19.18 -15.52
N PRO B 108 9.26 18.72 -16.77
CA PRO B 108 8.93 17.33 -17.10
C PRO B 108 10.02 16.36 -16.63
N ASN B 109 9.76 15.08 -16.80
CA ASN B 109 10.68 13.95 -16.58
C ASN B 109 11.26 13.94 -15.17
N VAL B 110 10.56 14.44 -14.15
CA VAL B 110 10.95 14.30 -12.71
C VAL B 110 9.65 13.87 -12.01
N TRP B 111 9.84 12.93 -11.12
CA TRP B 111 8.76 12.55 -10.24
C TRP B 111 8.49 13.64 -9.26
N PHE B 112 7.22 13.92 -9.06
CA PHE B 112 6.83 14.86 -7.99
C PHE B 112 5.59 14.31 -7.31
N LYS B 113 5.48 14.64 -6.05
CA LYS B 113 4.40 14.15 -5.19
C LYS B 113 3.43 15.27 -4.90
N ILE B 114 2.24 15.06 -5.38
CA ILE B 114 1.16 16.08 -5.24
C ILE B 114 0.43 15.77 -3.95
N PRO B 115 0.49 16.64 -2.93
CA PRO B 115 -0.34 16.44 -1.75
C PRO B 115 -1.82 16.56 -2.13
N ILE B 116 -2.64 15.66 -1.60
CA ILE B 116 -4.09 15.70 -1.92
C ILE B 116 -4.94 15.87 -0.68
N GLY B 117 -4.33 16.08 0.49
CA GLY B 117 -5.10 16.45 1.68
C GLY B 117 -4.85 15.53 2.86
N LYS B 118 -5.61 15.79 3.92
CA LYS B 118 -5.44 15.10 5.23
C LYS B 118 -6.81 14.67 5.72
N PHE B 119 -6.83 13.67 6.57
CA PHE B 119 -8.05 13.19 7.26
C PHE B 119 -7.68 12.63 8.62
N ILE B 120 -8.65 12.62 9.51
CA ILE B 120 -8.60 11.97 10.84
C ILE B 120 -9.93 11.23 11.05
N LEU B 121 -9.84 10.09 11.69
CA LEU B 121 -11.03 9.33 12.12
C LEU B 121 -11.24 9.50 13.63
N ARG B 122 -12.31 10.20 13.99
CA ARG B 122 -12.75 10.42 15.40
C ARG B 122 -14.26 10.61 15.42
N SER B 127 -16.13 5.17 9.36
CA SER B 127 -16.45 3.77 8.97
C SER B 127 -17.14 3.74 7.60
N GLY B 128 -16.57 2.95 6.70
CA GLY B 128 -16.95 2.97 5.29
C GLY B 128 -15.84 3.53 4.39
N THR B 129 -16.19 3.73 3.15
CA THR B 129 -15.22 3.95 2.09
C THR B 129 -14.64 5.37 2.14
N ILE B 130 -13.31 5.46 1.98
CA ILE B 130 -12.58 6.74 1.74
C ILE B 130 -12.07 6.67 0.32
N ARG B 131 -12.36 7.71 -0.45
CA ARG B 131 -11.93 7.81 -1.86
C ARG B 131 -10.82 8.86 -1.99
N PHE B 132 -9.76 8.48 -2.69
CA PHE B 132 -8.56 9.35 -2.90
C PHE B 132 -8.32 9.50 -4.38
N GLY B 133 -8.11 10.73 -4.84
CA GLY B 133 -7.63 10.83 -6.21
C GLY B 133 -7.78 12.21 -6.77
N PHE B 134 -7.84 12.23 -8.12
CA PHE B 134 -7.77 13.52 -8.82
C PHE B 134 -8.56 13.41 -10.11
N TYR B 135 -8.93 14.57 -10.64
CA TYR B 135 -9.75 14.60 -11.88
C TYR B 135 -9.71 15.99 -12.52
N ASN B 136 -10.01 15.95 -13.81
CA ASN B 136 -10.43 17.15 -14.56
C ASN B 136 -11.32 16.66 -15.66
N HIS B 137 -12.56 17.16 -15.66
CA HIS B 137 -13.59 16.66 -16.58
C HIS B 137 -13.91 17.64 -17.68
N GLU B 138 -13.14 18.69 -17.84
CA GLU B 138 -13.37 19.69 -18.90
C GLU B 138 -13.11 19.05 -20.25
N GLY B 139 -13.67 19.72 -21.30
CA GLY B 139 -13.70 19.06 -22.63
C GLY B 139 -12.40 19.11 -23.40
N ASN B 140 -11.34 19.65 -22.83
CA ASN B 140 -10.01 19.65 -23.44
C ASN B 140 -9.32 18.30 -23.20
N TRP B 141 -8.34 18.03 -24.04
CA TRP B 141 -7.50 16.82 -23.92
C TRP B 141 -6.39 17.10 -22.93
N LYS B 142 -6.27 16.26 -21.92
CA LYS B 142 -5.09 16.16 -21.04
C LYS B 142 -4.18 15.08 -21.61
N ARG B 143 -2.88 15.34 -21.66
CA ARG B 143 -1.91 14.42 -22.26
C ARG B 143 -0.64 14.38 -21.39
N GLY B 144 -0.04 13.21 -21.28
CA GLY B 144 1.35 13.17 -20.83
C GLY B 144 1.58 13.26 -19.34
N LEU B 145 0.73 12.58 -18.60
CA LEU B 145 0.91 12.41 -17.14
C LEU B 145 1.05 10.93 -16.83
N ASN B 146 2.16 10.60 -16.14
CA ASN B 146 2.42 9.20 -15.74
C ASN B 146 2.21 9.11 -14.25
N ILE B 147 1.42 8.14 -13.84
CA ILE B 147 1.04 7.97 -12.43
C ILE B 147 1.79 6.77 -11.84
N ARG B 148 2.50 7.03 -10.76
CA ARG B 148 3.25 5.98 -10.04
C ARG B 148 2.46 5.37 -8.86
N THR B 149 1.99 6.19 -7.93
CA THR B 149 1.41 5.63 -6.70
C THR B 149 0.68 6.69 -5.91
N LEU B 150 -0.33 6.22 -5.18
CA LEU B 150 -0.87 6.92 -4.01
C LEU B 150 -0.03 6.54 -2.77
N ALA B 151 0.20 7.49 -1.91
CA ALA B 151 0.91 7.22 -0.65
C ALA B 151 0.08 7.80 0.47
N ILE B 152 -0.07 7.05 1.55
CA ILE B 152 -0.80 7.50 2.73
C ILE B 152 0.16 7.42 3.92
N GLN B 153 0.37 8.55 4.59
CA GLN B 153 1.38 8.71 5.64
C GLN B 153 0.67 9.16 6.93
N ALA B 154 1.35 8.89 8.07
CA ALA B 154 0.90 9.37 9.39
C ALA B 154 2.05 9.44 10.41
C1 NBZ C . 0.13 -11.04 25.24
C2 NBZ C . 1.29 -10.54 25.79
C3 NBZ C . 2.26 -11.37 26.38
C4 NBZ C . 2.08 -12.73 26.38
C5 NBZ C . 0.91 -13.28 25.86
C6 NBZ C . 0.00 -12.43 25.20
N1 NBZ C . -1.20 -13.07 24.66
O1 NBZ C . -1.87 -12.48 23.77
O2 NBZ C . -1.59 -14.17 25.19
C1 EDO D . 14.73 -6.63 28.44
O1 EDO D . 13.81 -7.06 27.45
C2 EDO D . 14.07 -6.18 29.69
O2 EDO D . 12.72 -6.40 29.81
#